data_6HCN
#
_entry.id   6HCN
#
_cell.length_a   102.160
_cell.length_b   102.440
_cell.length_c   77.010
_cell.angle_alpha   90.00
_cell.angle_beta   90.00
_cell.angle_gamma   90.00
#
_symmetry.space_group_name_H-M   'P 21 21 21'
#
loop_
_entity.id
_entity.type
_entity.pdbx_description
1 polymer 'Fiber protein'
2 polymer 'Fiber protein'
3 non-polymer 1,2-ETHANEDIOL
4 non-polymer 'MAGNESIUM ION'
5 water water
#
loop_
_entity_poly.entity_id
_entity_poly.type
_entity_poly.pdbx_seq_one_letter_code
_entity_poly.pdbx_strand_id
1 'polypeptide(L)'
;NDKLTLWTTPAPSPNCRLNAEKDAKLTLVLTKCGSQILATVSVLAVKGSLAPISGTVQSAHLIIRFDENGVLLNNSFLDP
EYWNFRNGDLTEGTAYTNAVGFMPNLSAYPKSHGKTAKSNIVSQVYLNGDKTKPVTLTITLNGTQETGDTTPSAYSMSFS
WDWSGHNYINEIFATSSYTFSYIAQE
;
A,C
2 'polypeptide(L)'
;KNNDKLTLWTTPAPSPNCRLNAEKDAKLTLVLTKCGSQILATVSVLAVKGSLAPISGTVQSAHLIIRFDENGVLLNNSFL
DPEYWNFRNGDLTEGTAYTNAVGFMPNLSAYPKSHGKTAKSNIVSQVYLNGDKTKPVTLTITLNGTQETGDTTPSAYSMS
FSWDWSGHNYINEIFATSSYTFSYIAQE
;
B
#
# COMPACT_ATOMS: atom_id res chain seq x y z
N ASN A 1 -27.30 -3.25 -2.67
CA ASN A 1 -26.02 -4.00 -2.80
C ASN A 1 -24.91 -3.05 -3.26
N ASP A 2 -23.68 -3.49 -3.01
CA ASP A 2 -22.48 -2.84 -3.53
C ASP A 2 -21.60 -3.91 -4.22
N LYS A 3 -21.74 -3.99 -5.56
CA LYS A 3 -21.11 -5.06 -6.36
C LYS A 3 -19.63 -4.74 -6.62
N LEU A 4 -19.12 -3.65 -6.03
CA LEU A 4 -17.73 -3.25 -6.21
C LEU A 4 -16.90 -3.64 -4.97
N THR A 5 -17.50 -4.28 -3.95
CA THR A 5 -16.70 -4.84 -2.84
C THR A 5 -17.13 -6.28 -2.53
N LEU A 6 -16.13 -7.16 -2.52
CA LEU A 6 -16.29 -8.57 -2.15
C LEU A 6 -15.54 -8.77 -0.84
N TRP A 7 -16.23 -9.29 0.21
CA TRP A 7 -15.59 -9.28 1.54
C TRP A 7 -16.07 -10.47 2.41
N THR A 8 -15.37 -10.60 3.54
CA THR A 8 -15.74 -11.53 4.61
C THR A 8 -16.75 -10.96 5.61
N THR A 9 -17.21 -9.73 5.38
CA THR A 9 -17.78 -8.81 6.37
C THR A 9 -16.65 -8.20 7.18
N PRO A 10 -16.86 -6.98 7.74
CA PRO A 10 -15.84 -6.31 8.55
C PRO A 10 -15.61 -6.90 9.94
N ALA A 11 -16.55 -7.70 10.46
CA ALA A 11 -16.45 -8.34 11.82
C ALA A 11 -16.86 -9.81 11.71
N PRO A 12 -16.08 -10.62 10.99
CA PRO A 12 -16.48 -12.01 10.75
C PRO A 12 -16.46 -12.87 12.02
N SER A 13 -17.34 -13.86 12.01
CA SER A 13 -17.26 -15.00 12.88
C SER A 13 -16.11 -15.89 12.40
N PRO A 14 -15.68 -16.90 13.20
CA PRO A 14 -14.61 -17.78 12.74
C PRO A 14 -15.00 -18.35 11.36
N ASN A 15 -14.05 -18.30 10.42
CA ASN A 15 -14.40 -18.51 9.03
C ASN A 15 -13.24 -19.12 8.22
N CYS A 16 -12.12 -19.51 8.83
CA CYS A 16 -11.08 -20.09 8.04
C CYS A 16 -10.25 -21.12 8.84
N ARG A 17 -9.49 -21.90 8.09
CA ARG A 17 -8.73 -23.02 8.56
C ARG A 17 -7.24 -22.74 8.36
N LEU A 18 -6.52 -22.49 9.47
CA LEU A 18 -5.05 -22.44 9.47
C LEU A 18 -4.48 -23.81 9.83
N ASN A 19 -5.03 -24.44 10.88
N ASN A 19 -5.01 -24.43 10.89
CA ASN A 19 -4.59 -25.79 11.28
CA ASN A 19 -4.66 -25.83 11.16
C ASN A 19 -5.80 -26.74 11.46
C ASN A 19 -5.95 -26.68 11.07
N ALA A 20 -7.02 -26.19 11.69
CA ALA A 20 -8.31 -26.92 11.75
C ALA A 20 -9.43 -25.98 11.30
N GLU A 21 -10.59 -26.54 10.92
CA GLU A 21 -11.74 -25.76 10.44
C GLU A 21 -12.14 -24.71 11.50
N LYS A 22 -12.37 -23.47 11.03
CA LYS A 22 -12.84 -22.35 11.84
C LYS A 22 -11.94 -22.12 13.06
N ASP A 23 -10.62 -22.20 12.88
CA ASP A 23 -9.72 -21.92 14.01
C ASP A 23 -9.23 -20.46 13.96
N ALA A 24 -9.70 -19.69 12.97
CA ALA A 24 -9.32 -18.26 12.84
C ALA A 24 -10.42 -17.42 12.19
N LYS A 25 -10.33 -16.12 12.47
CA LYS A 25 -11.14 -15.10 11.80
C LYS A 25 -10.25 -14.32 10.81
N LEU A 26 -10.48 -14.57 9.52
CA LEU A 26 -9.84 -13.76 8.44
C LEU A 26 -10.77 -12.60 8.04
N THR A 27 -10.25 -11.37 8.21
CA THR A 27 -10.90 -10.22 7.61
C THR A 27 -10.20 -9.89 6.29
N LEU A 28 -10.91 -10.06 5.17
CA LEU A 28 -10.37 -9.79 3.83
C LEU A 28 -11.41 -9.01 3.03
N VAL A 29 -11.00 -7.82 2.58
CA VAL A 29 -11.88 -6.91 1.83
C VAL A 29 -11.21 -6.60 0.49
N LEU A 30 -11.94 -6.89 -0.60
CA LEU A 30 -11.48 -6.65 -1.96
C LEU A 30 -12.37 -5.57 -2.60
N THR A 31 -11.79 -4.42 -2.97
CA THR A 31 -12.51 -3.31 -3.55
C THR A 31 -12.01 -3.06 -4.98
N LYS A 32 -12.92 -3.17 -5.94
CA LYS A 32 -12.56 -3.05 -7.33
C LYS A 32 -12.42 -1.58 -7.73
N CYS A 33 -11.21 -1.25 -8.18
CA CYS A 33 -10.83 0.06 -8.69
C CYS A 33 -10.42 -0.13 -10.16
N GLY A 34 -11.39 -0.52 -10.99
CA GLY A 34 -11.18 -0.86 -12.38
C GLY A 34 -10.18 -2.00 -12.54
N SER A 35 -9.01 -1.67 -13.09
CA SER A 35 -7.96 -2.59 -13.49
C SER A 35 -7.16 -3.17 -12.31
N GLN A 36 -7.31 -2.59 -11.12
CA GLN A 36 -6.64 -3.04 -9.93
C GLN A 36 -7.68 -3.27 -8.85
N ILE A 37 -7.37 -4.28 -8.02
CA ILE A 37 -8.11 -4.56 -6.79
C ILE A 37 -7.33 -3.95 -5.63
N LEU A 38 -7.99 -3.16 -4.80
CA LEU A 38 -7.43 -2.64 -3.54
C LEU A 38 -7.89 -3.56 -2.40
N ALA A 39 -6.93 -4.08 -1.64
CA ALA A 39 -7.22 -5.13 -0.63
C ALA A 39 -6.69 -4.70 0.75
N THR A 40 -7.42 -5.12 1.80
CA THR A 40 -6.94 -5.07 3.19
C THR A 40 -7.19 -6.45 3.79
N VAL A 41 -6.20 -6.88 4.57
CA VAL A 41 -6.24 -8.23 5.24
C VAL A 41 -5.71 -8.11 6.66
N SER A 42 -6.38 -8.89 7.55
CA SER A 42 -5.97 -9.08 8.97
C SER A 42 -6.43 -10.50 9.35
N VAL A 43 -5.72 -11.10 10.31
CA VAL A 43 -6.14 -12.45 10.81
C VAL A 43 -6.01 -12.49 12.34
N LEU A 44 -6.90 -13.27 12.97
CA LEU A 44 -6.95 -13.45 14.41
C LEU A 44 -7.28 -14.95 14.66
N ALA A 45 -6.34 -15.65 15.30
CA ALA A 45 -6.61 -17.07 15.68
C ALA A 45 -7.52 -17.13 16.90
N VAL A 46 -8.39 -18.15 16.97
CA VAL A 46 -9.36 -18.27 18.07
C VAL A 46 -9.22 -19.61 18.82
N LYS A 47 -8.59 -20.61 18.21
CA LYS A 47 -8.34 -21.89 18.97
C LYS A 47 -7.14 -22.61 18.36
N GLY A 48 -6.64 -23.63 19.11
CA GLY A 48 -5.51 -24.44 18.68
C GLY A 48 -4.14 -23.83 18.99
N SER A 49 -3.14 -24.27 18.20
CA SER A 49 -1.72 -24.06 18.49
C SER A 49 -1.26 -22.61 18.21
N LEU A 50 -2.17 -21.81 17.63
CA LEU A 50 -1.91 -20.37 17.41
C LEU A 50 -2.66 -19.51 18.43
N ALA A 51 -3.44 -20.12 19.35
CA ALA A 51 -4.30 -19.36 20.26
C ALA A 51 -4.26 -19.96 21.66
N PRO A 52 -3.15 -19.79 22.38
CA PRO A 52 -2.00 -19.00 21.97
C PRO A 52 -0.91 -19.81 21.28
N ILE A 53 0.03 -19.09 20.65
CA ILE A 53 1.22 -19.66 20.00
C ILE A 53 1.92 -20.55 21.02
N SER A 54 2.14 -21.81 20.61
CA SER A 54 2.70 -22.82 21.49
C SER A 54 3.89 -23.50 20.80
N GLY A 55 4.72 -24.13 21.63
CA GLY A 55 5.79 -25.01 21.17
C GLY A 55 6.70 -24.33 20.15
N THR A 56 6.78 -24.95 18.98
CA THR A 56 7.74 -24.81 17.93
C THR A 56 7.13 -23.92 16.80
N VAL A 57 5.85 -23.53 16.94
CA VAL A 57 5.09 -22.85 15.84
C VAL A 57 5.72 -21.50 15.53
N GLN A 58 6.14 -21.32 14.27
CA GLN A 58 6.78 -20.07 13.83
C GLN A 58 6.22 -19.65 12.47
N SER A 59 5.06 -20.20 12.08
CA SER A 59 4.44 -19.80 10.79
C SER A 59 2.97 -20.21 10.75
N ALA A 60 2.24 -19.65 9.78
CA ALA A 60 0.82 -20.00 9.53
C ALA A 60 0.57 -19.80 8.04
N HIS A 61 -0.28 -20.63 7.44
CA HIS A 61 -0.48 -20.62 5.99
C HIS A 61 -1.97 -20.81 5.66
N LEU A 62 -2.44 -20.06 4.63
CA LEU A 62 -3.78 -20.22 4.10
C LEU A 62 -3.74 -20.08 2.56
N ILE A 63 -4.31 -21.04 1.84
CA ILE A 63 -4.54 -20.91 0.38
C ILE A 63 -6.05 -20.84 0.11
N ILE A 64 -6.48 -19.79 -0.61
CA ILE A 64 -7.87 -19.64 -1.07
C ILE A 64 -7.92 -19.90 -2.58
N ARG A 65 -8.82 -20.79 -3.03
CA ARG A 65 -8.86 -21.20 -4.44
C ARG A 65 -10.26 -20.94 -5.02
N PHE A 66 -10.28 -20.49 -6.30
CA PHE A 66 -11.51 -20.19 -6.99
C PHE A 66 -11.57 -20.90 -8.35
N ASP A 67 -12.80 -21.18 -8.78
CA ASP A 67 -13.07 -21.73 -10.12
C ASP A 67 -13.05 -20.60 -11.19
N GLU A 68 -13.34 -21.01 -12.43
CA GLU A 68 -13.30 -20.10 -13.63
C GLU A 68 -14.29 -18.94 -13.47
N ASN A 69 -15.32 -19.05 -12.65
CA ASN A 69 -16.29 -17.98 -12.39
C ASN A 69 -15.90 -17.10 -11.19
N GLY A 70 -14.74 -17.39 -10.55
CA GLY A 70 -14.35 -16.66 -9.38
C GLY A 70 -15.05 -17.11 -8.08
N VAL A 71 -15.66 -18.29 -8.11
CA VAL A 71 -16.43 -18.86 -6.98
C VAL A 71 -15.52 -19.82 -6.19
N LEU A 72 -15.60 -19.72 -4.85
CA LEU A 72 -14.76 -20.62 -3.98
C LEU A 72 -15.02 -22.08 -4.36
N LEU A 73 -13.93 -22.85 -4.43
CA LEU A 73 -14.02 -24.32 -4.62
C LEU A 73 -14.72 -24.99 -3.43
N ASN A 74 -15.23 -26.18 -3.72
CA ASN A 74 -15.55 -27.15 -2.62
C ASN A 74 -14.27 -27.42 -1.79
N ASN A 75 -14.48 -27.74 -0.51
CA ASN A 75 -13.40 -28.03 0.47
C ASN A 75 -12.53 -26.76 0.67
N SER A 76 -13.16 -25.58 0.58
CA SER A 76 -12.44 -24.33 0.77
C SER A 76 -11.97 -24.18 2.22
N PHE A 77 -10.74 -23.67 2.41
CA PHE A 77 -10.22 -23.33 3.74
C PHE A 77 -10.70 -21.94 4.18
N LEU A 78 -11.35 -21.17 3.28
CA LEU A 78 -12.20 -20.03 3.68
C LEU A 78 -13.67 -20.42 3.50
N ASP A 79 -14.45 -20.31 4.58
N ASP A 79 -14.45 -20.31 4.58
CA ASP A 79 -15.85 -20.71 4.56
CA ASP A 79 -15.85 -20.71 4.56
C ASP A 79 -16.63 -19.82 3.59
C ASP A 79 -16.62 -19.83 3.60
N PRO A 80 -17.42 -20.40 2.66
CA PRO A 80 -18.16 -19.60 1.69
C PRO A 80 -19.42 -18.88 2.17
N GLU A 81 -19.93 -19.20 3.36
CA GLU A 81 -21.25 -18.74 3.83
C GLU A 81 -21.31 -17.19 3.86
N TYR A 82 -20.26 -16.54 4.34
CA TYR A 82 -20.22 -15.08 4.54
C TYR A 82 -19.07 -14.47 3.71
N TRP A 83 -18.82 -15.02 2.51
CA TRP A 83 -17.92 -14.45 1.52
C TRP A 83 -18.80 -14.04 0.32
N ASN A 84 -19.03 -12.72 0.20
CA ASN A 84 -20.03 -12.26 -0.80
C ASN A 84 -19.89 -10.74 -0.94
N PHE A 85 -20.65 -10.20 -1.89
CA PHE A 85 -20.72 -8.76 -2.12
C PHE A 85 -21.36 -8.07 -0.90
N ARG A 86 -20.92 -6.83 -0.69
CA ARG A 86 -21.32 -6.00 0.41
C ARG A 86 -22.81 -5.62 0.35
N ASN A 87 -23.46 -5.71 1.53
CA ASN A 87 -24.77 -5.11 1.84
C ASN A 87 -24.72 -4.53 3.26
N GLY A 88 -24.54 -3.20 3.35
CA GLY A 88 -24.23 -2.51 4.64
C GLY A 88 -22.94 -3.03 5.25
N ASP A 89 -23.00 -3.50 6.50
CA ASP A 89 -21.86 -4.18 7.19
C ASP A 89 -21.97 -5.70 7.07
N LEU A 90 -22.87 -6.19 6.20
CA LEU A 90 -23.12 -7.59 6.05
C LEU A 90 -22.83 -8.02 4.60
N THR A 91 -23.17 -9.27 4.28
CA THR A 91 -23.07 -9.82 2.96
C THR A 91 -24.49 -10.05 2.40
N GLU A 92 -24.62 -9.99 1.07
CA GLU A 92 -25.79 -10.56 0.41
C GLU A 92 -25.98 -12.01 0.85
N GLY A 93 -27.23 -12.45 1.00
CA GLY A 93 -27.58 -13.82 1.41
C GLY A 93 -27.46 -14.83 0.28
N THR A 94 -27.81 -14.42 -0.94
CA THR A 94 -27.76 -15.32 -2.11
C THR A 94 -26.33 -15.38 -2.65
N ALA A 95 -25.79 -16.59 -2.83
CA ALA A 95 -24.39 -16.77 -3.27
C ALA A 95 -24.18 -16.08 -4.63
N TYR A 96 -23.01 -15.46 -4.80
CA TYR A 96 -22.65 -14.85 -6.09
C TYR A 96 -22.34 -15.96 -7.09
N THR A 97 -22.60 -15.69 -8.37
CA THR A 97 -22.31 -16.64 -9.42
C THR A 97 -21.10 -16.20 -10.27
N ASN A 98 -20.68 -14.92 -10.16
CA ASN A 98 -19.53 -14.45 -10.92
C ASN A 98 -18.79 -13.32 -10.19
N ALA A 99 -17.46 -13.48 -10.07
CA ALA A 99 -16.57 -12.49 -9.43
C ALA A 99 -15.23 -12.50 -10.18
N VAL A 100 -15.29 -12.73 -11.49
CA VAL A 100 -14.05 -12.77 -12.29
C VAL A 100 -13.33 -11.41 -12.25
N GLY A 101 -14.06 -10.30 -12.11
CA GLY A 101 -13.45 -8.97 -12.01
C GLY A 101 -12.59 -8.74 -10.79
N PHE A 102 -12.68 -9.65 -9.82
CA PHE A 102 -11.89 -9.57 -8.57
C PHE A 102 -10.73 -10.58 -8.55
N MET A 103 -10.60 -11.39 -9.60
CA MET A 103 -9.57 -12.47 -9.61
C MET A 103 -8.22 -11.93 -10.05
N PRO A 104 -7.10 -12.42 -9.57
CA PRO A 104 -5.77 -11.99 -10.01
C PRO A 104 -5.52 -12.34 -11.49
N ASN A 105 -5.08 -11.33 -12.24
CA ASN A 105 -4.89 -11.42 -13.71
C ASN A 105 -3.92 -12.59 -14.06
N LEU A 106 -4.36 -13.48 -14.96
CA LEU A 106 -3.54 -14.60 -15.37
C LEU A 106 -2.36 -14.26 -16.27
N SER A 107 -2.45 -13.16 -17.04
CA SER A 107 -1.29 -12.73 -17.80
C SER A 107 -0.17 -12.23 -16.89
N ALA A 108 -0.53 -11.44 -15.89
CA ALA A 108 0.42 -10.85 -14.91
C ALA A 108 1.00 -11.95 -14.01
N TYR A 109 0.07 -12.80 -13.56
CA TYR A 109 0.39 -13.84 -12.50
C TYR A 109 -0.02 -15.22 -13.02
N PRO A 110 0.78 -15.86 -13.90
CA PRO A 110 0.34 -17.08 -14.55
C PRO A 110 0.17 -18.25 -13.55
N LYS A 111 -0.78 -19.15 -13.85
N LYS A 111 -0.77 -19.15 -13.84
CA LYS A 111 -1.12 -20.25 -12.96
CA LYS A 111 -1.12 -20.18 -12.87
C LYS A 111 0.14 -21.06 -12.72
C LYS A 111 0.12 -21.07 -12.71
N SER A 112 0.40 -21.40 -11.44
CA SER A 112 1.55 -22.21 -10.99
C SER A 112 2.92 -21.54 -11.17
N HIS A 113 2.97 -20.20 -11.34
CA HIS A 113 4.24 -19.42 -11.40
C HIS A 113 4.50 -18.72 -10.05
N GLY A 114 4.17 -19.43 -8.96
CA GLY A 114 4.29 -18.94 -7.59
C GLY A 114 5.71 -18.64 -7.16
N LYS A 115 6.72 -19.20 -7.84
CA LYS A 115 8.14 -18.89 -7.52
C LYS A 115 8.63 -17.64 -8.25
N THR A 116 7.80 -17.10 -9.13
CA THR A 116 8.12 -15.88 -9.90
C THR A 116 7.96 -14.66 -8.98
N ALA A 117 8.94 -13.74 -9.03
CA ALA A 117 8.98 -12.61 -8.11
C ALA A 117 7.69 -11.80 -8.21
N LYS A 118 7.25 -11.50 -9.46
CA LYS A 118 6.11 -10.60 -9.70
C LYS A 118 4.81 -11.11 -9.08
N SER A 119 4.68 -12.46 -8.92
CA SER A 119 3.47 -13.05 -8.37
C SER A 119 3.43 -13.02 -6.81
N ASN A 120 4.44 -12.43 -6.18
CA ASN A 120 4.57 -12.31 -4.75
C ASN A 120 4.59 -10.85 -4.28
N ILE A 121 3.82 -10.57 -3.23
CA ILE A 121 3.84 -9.33 -2.48
C ILE A 121 4.33 -9.67 -1.07
N VAL A 122 5.40 -9.03 -0.61
CA VAL A 122 6.05 -9.45 0.65
C VAL A 122 6.27 -8.21 1.51
N SER A 123 5.83 -8.26 2.76
CA SER A 123 6.05 -7.14 3.67
C SER A 123 5.95 -7.56 5.12
N GLN A 124 6.34 -6.71 6.05
CA GLN A 124 6.18 -6.96 7.45
C GLN A 124 4.80 -6.49 7.91
N VAL A 125 4.14 -7.31 8.70
CA VAL A 125 3.04 -6.91 9.58
C VAL A 125 3.48 -7.18 11.03
N TYR A 126 2.65 -6.84 12.00
CA TYR A 126 3.11 -6.72 13.40
C TYR A 126 2.08 -7.35 14.32
N LEU A 127 2.58 -8.31 15.16
CA LEU A 127 1.74 -9.05 16.05
C LEU A 127 1.12 -8.10 17.07
N ASN A 128 -0.21 -8.19 17.24
CA ASN A 128 -0.95 -7.36 18.19
C ASN A 128 -0.81 -5.85 17.85
N GLY A 129 -0.44 -5.49 16.62
CA GLY A 129 -0.20 -4.09 16.27
C GLY A 129 0.99 -3.48 16.99
N ASP A 130 1.93 -4.32 17.44
CA ASP A 130 3.10 -3.92 18.24
C ASP A 130 4.36 -3.88 17.37
N LYS A 131 4.89 -2.65 17.15
CA LYS A 131 6.08 -2.44 16.32
C LYS A 131 7.32 -3.26 16.69
N THR A 132 7.39 -3.82 17.91
CA THR A 132 8.56 -4.63 18.33
C THR A 132 8.36 -6.13 17.99
N LYS A 133 7.24 -6.49 17.36
CA LYS A 133 6.89 -7.91 17.10
C LYS A 133 6.56 -8.09 15.61
N PRO A 134 7.57 -7.98 14.72
CA PRO A 134 7.36 -8.21 13.29
C PRO A 134 7.05 -9.67 12.91
N VAL A 135 6.26 -9.82 11.88
CA VAL A 135 5.85 -11.07 11.23
C VAL A 135 5.95 -10.84 9.73
N THR A 136 6.67 -11.69 8.98
CA THR A 136 6.67 -11.46 7.50
C THR A 136 5.39 -12.04 6.91
N LEU A 137 4.71 -11.31 6.02
CA LEU A 137 3.58 -11.77 5.26
C LEU A 137 4.00 -11.86 3.81
N THR A 138 3.85 -13.05 3.22
CA THR A 138 4.06 -13.34 1.81
C THR A 138 2.72 -13.67 1.18
N ILE A 139 2.28 -12.81 0.22
CA ILE A 139 1.02 -13.05 -0.54
C ILE A 139 1.46 -13.56 -1.90
N THR A 140 0.87 -14.65 -2.37
CA THR A 140 1.19 -15.22 -3.69
C THR A 140 -0.12 -15.28 -4.50
N LEU A 141 -0.07 -14.76 -5.73
CA LEU A 141 -1.22 -14.72 -6.66
C LEU A 141 -1.10 -15.83 -7.71
N ASN A 142 -2.14 -16.68 -7.79
CA ASN A 142 -2.26 -17.77 -8.75
C ASN A 142 -1.11 -18.80 -8.66
N GLY A 143 -0.63 -19.01 -7.41
CA GLY A 143 0.45 -19.92 -7.11
C GLY A 143 0.74 -19.93 -5.61
N THR A 144 1.77 -20.69 -5.22
CA THR A 144 2.23 -20.72 -3.83
C THR A 144 3.75 -20.67 -3.81
N GLN A 145 4.30 -19.83 -2.93
CA GLN A 145 5.73 -19.54 -2.84
C GLN A 145 6.45 -20.80 -2.36
N GLU A 146 5.84 -21.53 -1.42
CA GLU A 146 6.19 -22.97 -1.23
C GLU A 146 5.60 -23.70 -2.45
N THR A 147 6.40 -24.50 -3.16
CA THR A 147 6.07 -24.89 -4.56
C THR A 147 4.97 -25.95 -4.60
N GLY A 148 4.34 -26.07 -5.78
CA GLY A 148 3.48 -27.17 -6.22
C GLY A 148 2.37 -27.54 -5.25
N ASP A 149 1.51 -26.56 -4.94
CA ASP A 149 0.11 -26.83 -4.63
C ASP A 149 -0.42 -27.66 -5.81
N THR A 150 -0.90 -28.88 -5.57
CA THR A 150 -1.29 -29.85 -6.60
C THR A 150 -2.81 -29.82 -6.80
N THR A 151 -3.56 -29.10 -5.96
CA THR A 151 -5.01 -29.00 -6.12
C THR A 151 -5.33 -28.06 -7.29
N PRO A 152 -6.03 -28.52 -8.35
CA PRO A 152 -6.32 -27.63 -9.49
C PRO A 152 -7.31 -26.53 -9.09
N SER A 153 -7.14 -25.35 -9.72
CA SER A 153 -8.00 -24.18 -9.53
C SER A 153 -7.77 -23.28 -10.73
N ALA A 154 -8.74 -22.42 -11.05
CA ALA A 154 -8.52 -21.39 -12.09
C ALA A 154 -7.66 -20.24 -11.56
N TYR A 155 -7.92 -19.84 -10.31
CA TYR A 155 -7.29 -18.70 -9.65
C TYR A 155 -7.02 -19.07 -8.19
N SER A 156 -6.05 -18.40 -7.58
CA SER A 156 -5.79 -18.60 -6.15
C SER A 156 -5.14 -17.36 -5.52
N MET A 157 -5.26 -17.27 -4.19
N MET A 157 -5.26 -17.27 -4.19
CA MET A 157 -4.59 -16.26 -3.38
CA MET A 157 -4.61 -16.27 -3.37
C MET A 157 -4.06 -16.97 -2.11
C MET A 157 -4.05 -16.98 -2.12
N SER A 158 -2.74 -16.91 -1.90
CA SER A 158 -2.04 -17.61 -0.79
C SER A 158 -1.45 -16.58 0.18
N PHE A 159 -1.66 -16.80 1.49
CA PHE A 159 -1.15 -15.99 2.57
C PHE A 159 -0.25 -16.84 3.46
N SER A 160 1.02 -16.43 3.58
N SER A 160 1.03 -16.44 3.58
CA SER A 160 1.98 -17.12 4.45
CA SER A 160 1.99 -17.13 4.45
C SER A 160 2.59 -16.14 5.44
C SER A 160 2.59 -16.14 5.44
N TRP A 161 2.34 -16.38 6.73
CA TRP A 161 2.87 -15.58 7.82
C TRP A 161 4.03 -16.35 8.45
N ASP A 162 5.15 -15.68 8.69
CA ASP A 162 6.35 -16.33 9.19
C ASP A 162 7.07 -15.42 10.18
N TRP A 163 7.44 -15.97 11.35
CA TRP A 163 8.21 -15.25 12.34
C TRP A 163 9.42 -16.07 12.82
N SER A 164 10.11 -16.72 11.88
CA SER A 164 11.35 -17.45 12.15
C SER A 164 12.27 -16.58 12.99
N GLY A 165 12.84 -17.12 14.07
CA GLY A 165 13.81 -16.39 14.87
C GLY A 165 13.19 -15.68 16.07
N HIS A 166 11.86 -15.54 16.11
CA HIS A 166 11.19 -14.82 17.20
C HIS A 166 10.48 -15.81 18.13
N ASN A 167 10.49 -15.47 19.42
CA ASN A 167 9.79 -16.20 20.47
C ASN A 167 8.50 -15.45 20.83
N TYR A 168 7.38 -15.84 20.22
CA TYR A 168 6.07 -15.24 20.54
C TYR A 168 5.19 -16.23 21.31
N ILE A 169 5.81 -17.18 22.04
CA ILE A 169 5.06 -18.18 22.78
C ILE A 169 4.17 -17.49 23.83
N ASN A 170 2.93 -17.96 23.92
CA ASN A 170 1.88 -17.50 24.86
C ASN A 170 1.20 -16.21 24.36
N GLU A 171 1.57 -15.70 23.19
CA GLU A 171 0.80 -14.62 22.53
C GLU A 171 -0.27 -15.23 21.62
N ILE A 172 -1.42 -14.59 21.50
CA ILE A 172 -2.41 -15.00 20.50
C ILE A 172 -1.89 -14.54 19.13
N PHE A 173 -2.02 -15.39 18.10
CA PHE A 173 -1.64 -15.00 16.74
C PHE A 173 -2.70 -14.03 16.19
N ALA A 174 -2.34 -12.74 16.05
CA ALA A 174 -3.25 -11.67 15.56
C ALA A 174 -2.40 -10.59 14.94
N THR A 175 -2.75 -10.22 13.71
CA THR A 175 -1.92 -9.31 12.90
C THR A 175 -2.55 -7.93 12.70
N SER A 176 -1.67 -6.95 12.68
CA SER A 176 -1.99 -5.63 12.13
C SER A 176 -2.61 -5.79 10.72
N SER A 177 -3.45 -4.80 10.35
CA SER A 177 -4.08 -4.72 9.02
C SER A 177 -3.02 -4.32 7.99
N TYR A 178 -3.09 -4.93 6.80
CA TYR A 178 -2.12 -4.70 5.72
C TYR A 178 -2.88 -4.43 4.41
N THR A 179 -2.47 -3.33 3.72
CA THR A 179 -3.02 -2.96 2.43
C THR A 179 -2.11 -3.42 1.29
N PHE A 180 -2.73 -3.91 0.22
CA PHE A 180 -2.03 -4.32 -1.01
C PHE A 180 -2.95 -4.15 -2.21
N SER A 181 -2.37 -4.20 -3.41
CA SER A 181 -3.16 -4.18 -4.63
C SER A 181 -2.59 -5.19 -5.62
N TYR A 182 -3.40 -5.60 -6.61
CA TYR A 182 -2.98 -6.46 -7.67
C TYR A 182 -3.81 -6.16 -8.94
N ILE A 183 -3.28 -6.60 -10.07
CA ILE A 183 -3.91 -6.42 -11.39
C ILE A 183 -5.09 -7.38 -11.50
N ALA A 184 -6.28 -6.86 -11.85
CA ALA A 184 -7.51 -7.66 -12.00
C ALA A 184 -7.56 -8.39 -13.35
N GLN A 185 -8.18 -9.58 -13.35
CA GLN A 185 -8.38 -10.38 -14.59
C GLN A 185 -9.22 -9.62 -15.64
N GLU A 186 -10.30 -8.96 -15.22
CA GLU A 186 -11.09 -8.20 -16.15
C GLU A 186 -11.68 -6.99 -15.44
N LYS B 1 -15.66 0.80 -28.10
CA LYS B 1 -14.55 1.40 -27.32
C LYS B 1 -14.32 0.56 -26.05
N ASN B 2 -13.71 -0.61 -26.28
CA ASN B 2 -13.18 -1.49 -25.23
C ASN B 2 -12.05 -0.78 -24.48
N ASN B 3 -11.88 0.53 -24.72
CA ASN B 3 -10.82 1.31 -24.07
C ASN B 3 -11.15 1.44 -22.58
N ASP B 4 -10.10 1.69 -21.81
CA ASP B 4 -10.21 2.02 -20.39
C ASP B 4 -9.24 3.16 -20.09
N LYS B 5 -9.76 4.39 -20.13
CA LYS B 5 -9.02 5.64 -19.96
C LYS B 5 -8.62 5.90 -18.51
N LEU B 6 -8.99 5.00 -17.61
CA LEU B 6 -8.69 5.12 -16.18
C LEU B 6 -7.49 4.24 -15.81
N THR B 7 -6.87 3.53 -16.74
CA THR B 7 -5.61 2.80 -16.46
C THR B 7 -4.56 3.07 -17.54
N LEU B 8 -3.37 3.49 -17.12
CA LEU B 8 -2.21 3.65 -17.96
C LEU B 8 -1.17 2.61 -17.54
N TRP B 9 -0.67 1.79 -18.47
CA TRP B 9 0.17 0.66 -18.06
C TRP B 9 1.18 0.26 -19.14
N THR B 10 2.09 -0.64 -18.74
CA THR B 10 3.04 -1.31 -19.61
C THR B 10 2.49 -2.56 -20.31
N THR B 11 1.20 -2.85 -20.12
CA THR B 11 0.60 -4.22 -20.22
C THR B 11 1.04 -5.06 -19.01
N PRO B 12 0.20 -6.06 -18.65
CA PRO B 12 0.51 -6.94 -17.51
C PRO B 12 1.65 -7.94 -17.73
N ALA B 13 2.01 -8.22 -18.99
CA ALA B 13 3.05 -9.17 -19.38
C ALA B 13 3.94 -8.55 -20.47
N PRO B 14 4.70 -7.49 -20.13
CA PRO B 14 5.49 -6.80 -21.13
C PRO B 14 6.66 -7.62 -21.68
N SER B 15 6.99 -7.34 -22.94
CA SER B 15 8.26 -7.70 -23.53
C SER B 15 9.33 -6.76 -22.98
N PRO B 16 10.64 -7.03 -23.21
CA PRO B 16 11.66 -6.14 -22.66
C PRO B 16 11.39 -4.69 -23.12
N ASN B 17 11.37 -3.76 -22.18
CA ASN B 17 10.81 -2.43 -22.44
C ASN B 17 11.54 -1.30 -21.71
N CYS B 18 12.66 -1.57 -21.06
CA CYS B 18 13.34 -0.51 -20.35
C CYS B 18 14.82 -0.78 -20.21
N ARG B 19 15.53 0.31 -19.87
CA ARG B 19 16.97 0.38 -19.83
C ARG B 19 17.38 0.66 -18.38
N LEU B 20 17.94 -0.36 -17.70
CA LEU B 20 18.61 -0.17 -16.41
C LEU B 20 20.10 0.11 -16.61
N ASN B 21 20.73 -0.59 -17.55
CA ASN B 21 22.11 -0.30 -17.93
C ASN B 21 22.20 -0.11 -19.45
N ALA B 22 21.44 -0.90 -20.21
CA ALA B 22 21.46 -0.89 -21.71
C ALA B 22 20.02 -1.08 -22.20
N GLU B 23 19.76 -0.68 -23.45
N GLU B 23 19.75 -0.69 -23.46
CA GLU B 23 18.41 -0.74 -24.06
CA GLU B 23 18.36 -0.69 -23.95
C GLU B 23 17.79 -2.15 -23.90
C GLU B 23 17.78 -2.12 -23.89
N LYS B 24 16.52 -2.18 -23.43
CA LYS B 24 15.71 -3.38 -23.34
C LYS B 24 16.41 -4.48 -22.53
N ASP B 25 17.07 -4.11 -21.43
CA ASP B 25 17.74 -5.13 -20.61
C ASP B 25 16.83 -5.57 -19.46
N ALA B 26 15.60 -5.04 -19.40
CA ALA B 26 14.67 -5.39 -18.34
C ALA B 26 13.21 -5.27 -18.81
N LYS B 27 12.33 -5.95 -18.10
CA LYS B 27 10.89 -5.90 -18.22
C LYS B 27 10.35 -5.19 -16.98
N LEU B 28 9.91 -3.94 -17.12
CA LEU B 28 9.19 -3.20 -16.09
C LEU B 28 7.69 -3.44 -16.24
N THR B 29 7.04 -3.93 -15.19
CA THR B 29 5.61 -3.97 -15.12
C THR B 29 5.18 -2.83 -14.20
N LEU B 30 4.52 -1.82 -14.79
CA LEU B 30 4.04 -0.66 -14.04
C LEU B 30 2.58 -0.38 -14.46
N VAL B 31 1.68 -0.33 -13.48
CA VAL B 31 0.25 -0.13 -13.72
C VAL B 31 -0.21 1.05 -12.86
N LEU B 32 -0.73 2.08 -13.54
CA LEU B 32 -1.28 3.29 -12.87
C LEU B 32 -2.79 3.31 -13.06
N THR B 33 -3.53 3.31 -11.96
CA THR B 33 -4.98 3.24 -11.96
C THR B 33 -5.52 4.49 -11.27
N LYS B 34 -6.30 5.29 -12.02
CA LYS B 34 -6.76 6.56 -11.52
C LYS B 34 -7.99 6.37 -10.61
N CYS B 35 -7.82 6.83 -9.37
CA CYS B 35 -8.83 6.82 -8.35
C CYS B 35 -9.10 8.27 -7.93
N GLY B 36 -9.63 9.04 -8.88
CA GLY B 36 -9.85 10.50 -8.71
C GLY B 36 -8.55 11.22 -8.43
N SER B 37 -8.46 11.77 -7.22
CA SER B 37 -7.37 12.64 -6.76
C SER B 37 -6.06 11.87 -6.45
N GLN B 38 -6.11 10.54 -6.36
CA GLN B 38 -4.92 9.72 -6.15
C GLN B 38 -4.79 8.69 -7.28
N ILE B 39 -3.53 8.36 -7.59
CA ILE B 39 -3.19 7.25 -8.45
C ILE B 39 -2.83 6.06 -7.55
N LEU B 40 -3.42 4.92 -7.87
CA LEU B 40 -3.04 3.61 -7.22
C LEU B 40 -2.11 2.89 -8.18
N ALA B 41 -0.92 2.53 -7.72
CA ALA B 41 0.11 1.95 -8.58
C ALA B 41 0.60 0.60 -8.06
N THR B 42 1.00 -0.28 -9.00
CA THR B 42 1.78 -1.49 -8.70
C THR B 42 2.98 -1.50 -9.64
N VAL B 43 4.15 -1.88 -9.10
CA VAL B 43 5.41 -1.98 -9.86
C VAL B 43 6.19 -3.24 -9.49
N SER B 44 6.82 -3.84 -10.52
N SER B 44 6.86 -3.81 -10.51
CA SER B 44 7.75 -4.97 -10.42
CA SER B 44 7.78 -4.90 -10.37
C SER B 44 8.74 -4.85 -11.57
C SER B 44 8.74 -4.85 -11.57
N VAL B 45 9.95 -5.38 -11.40
CA VAL B 45 10.95 -5.35 -12.47
C VAL B 45 11.68 -6.69 -12.53
N LEU B 46 12.06 -7.08 -13.76
CA LEU B 46 12.79 -8.31 -14.03
C LEU B 46 13.87 -8.03 -15.07
N ALA B 47 15.13 -8.18 -14.68
CA ALA B 47 16.25 -8.05 -15.64
C ALA B 47 16.33 -9.28 -16.55
N VAL B 48 16.70 -9.09 -17.82
CA VAL B 48 16.74 -10.17 -18.81
C VAL B 48 18.11 -10.33 -19.45
N LYS B 49 18.98 -9.31 -19.38
CA LYS B 49 20.35 -9.45 -19.86
C LYS B 49 21.26 -8.45 -19.17
N GLY B 50 22.56 -8.72 -19.25
CA GLY B 50 23.61 -7.84 -18.71
C GLY B 50 23.97 -8.18 -17.26
N SER B 51 24.49 -7.16 -16.55
CA SER B 51 25.17 -7.33 -15.27
C SER B 51 24.19 -7.57 -14.12
N LEU B 52 22.87 -7.48 -14.41
CA LEU B 52 21.83 -7.79 -13.44
C LEU B 52 21.17 -9.16 -13.75
N ALA B 53 21.63 -9.86 -14.79
CA ALA B 53 20.98 -11.10 -15.24
C ALA B 53 22.03 -12.15 -15.64
N PRO B 54 22.75 -12.71 -14.66
CA PRO B 54 22.53 -12.49 -13.22
C PRO B 54 23.44 -11.39 -12.65
N ILE B 55 23.11 -10.97 -11.42
CA ILE B 55 23.89 -10.00 -10.66
C ILE B 55 25.34 -10.48 -10.62
N SER B 56 26.25 -9.60 -11.03
CA SER B 56 27.66 -9.91 -11.18
C SER B 56 28.49 -8.81 -10.51
N GLY B 57 29.74 -9.16 -10.17
CA GLY B 57 30.69 -8.26 -9.57
C GLY B 57 30.11 -7.51 -8.39
N THR B 58 30.19 -6.18 -8.45
CA THR B 58 30.10 -5.34 -7.27
C THR B 58 28.77 -4.57 -7.27
N VAL B 59 27.89 -4.83 -8.26
CA VAL B 59 26.66 -4.03 -8.43
C VAL B 59 25.72 -4.34 -7.25
N GLN B 60 25.26 -3.26 -6.60
CA GLN B 60 24.40 -3.34 -5.44
C GLN B 60 23.23 -2.37 -5.57
N SER B 61 22.90 -1.94 -6.80
CA SER B 61 21.75 -1.05 -7.02
C SER B 61 21.36 -1.05 -8.50
N ALA B 62 20.15 -0.55 -8.76
CA ALA B 62 19.62 -0.36 -10.12
C ALA B 62 18.67 0.83 -10.07
N HIS B 63 18.63 1.62 -11.17
CA HIS B 63 17.91 2.88 -11.19
C HIS B 63 17.21 3.06 -12.55
N LEU B 64 15.97 3.54 -12.49
CA LEU B 64 15.23 3.94 -13.70
C LEU B 64 14.49 5.24 -13.41
N ILE B 65 14.70 6.24 -14.27
CA ILE B 65 13.97 7.51 -14.17
C ILE B 65 13.12 7.64 -15.45
N ILE B 66 11.81 7.86 -15.25
CA ILE B 66 10.84 8.03 -16.34
C ILE B 66 10.43 9.50 -16.34
N ARG B 67 10.51 10.18 -17.51
CA ARG B 67 10.31 11.59 -17.61
C ARG B 67 9.19 11.86 -18.62
N PHE B 68 8.31 12.81 -18.28
CA PHE B 68 7.18 13.17 -19.13
C PHE B 68 7.16 14.68 -19.40
N ASP B 69 6.59 15.05 -20.56
CA ASP B 69 6.39 16.45 -20.93
C ASP B 69 5.10 16.99 -20.27
N GLU B 70 4.74 18.24 -20.59
CA GLU B 70 3.58 18.95 -20.01
C GLU B 70 2.25 18.24 -20.28
N ASN B 71 2.18 17.40 -21.31
CA ASN B 71 0.96 16.65 -21.67
C ASN B 71 0.99 15.25 -21.06
N GLY B 72 2.03 14.93 -20.30
CA GLY B 72 2.15 13.62 -19.68
C GLY B 72 2.65 12.54 -20.64
N VAL B 73 3.28 12.92 -21.74
CA VAL B 73 3.79 12.08 -22.81
C VAL B 73 5.28 11.85 -22.54
N LEU B 74 5.74 10.59 -22.68
CA LEU B 74 7.18 10.28 -22.47
C LEU B 74 8.08 11.16 -23.34
N LEU B 75 9.18 11.65 -22.76
CA LEU B 75 10.18 12.45 -23.57
C LEU B 75 10.84 11.54 -24.60
N ASN B 76 11.41 12.15 -25.63
CA ASN B 76 12.36 11.52 -26.53
C ASN B 76 13.52 10.95 -25.67
N ASN B 77 14.15 9.88 -26.16
CA ASN B 77 15.27 9.19 -25.47
C ASN B 77 14.83 8.66 -24.09
N SER B 78 13.56 8.30 -23.93
CA SER B 78 13.03 7.70 -22.69
C SER B 78 13.72 6.37 -22.45
N PHE B 79 14.04 6.11 -21.16
CA PHE B 79 14.60 4.80 -20.75
C PHE B 79 13.47 3.79 -20.54
N LEU B 80 12.20 4.23 -20.57
CA LEU B 80 11.04 3.34 -20.77
C LEU B 80 10.54 3.50 -22.21
N ASP B 81 10.51 2.40 -22.96
CA ASP B 81 10.13 2.39 -24.36
C ASP B 81 8.67 2.81 -24.48
N PRO B 82 8.35 3.75 -25.40
CA PRO B 82 6.97 4.24 -25.52
C PRO B 82 5.97 3.32 -26.26
N GLU B 83 6.45 2.32 -26.99
CA GLU B 83 5.58 1.57 -27.93
C GLU B 83 4.41 0.91 -27.18
N TYR B 84 4.67 0.35 -25.98
CA TYR B 84 3.64 -0.42 -25.23
C TYR B 84 3.40 0.24 -23.86
N TRP B 85 3.49 1.59 -23.80
CA TRP B 85 3.07 2.39 -22.67
C TRP B 85 1.83 3.17 -23.06
N ASN B 86 0.64 2.78 -22.63
CA ASN B 86 -0.60 3.37 -23.14
C ASN B 86 -1.78 2.95 -22.27
N PHE B 87 -2.95 3.50 -22.56
CA PHE B 87 -4.20 3.17 -21.93
C PHE B 87 -4.58 1.72 -22.25
N ARG B 88 -5.26 1.12 -21.26
CA ARG B 88 -5.67 -0.27 -21.29
C ARG B 88 -6.73 -0.53 -22.37
N ASN B 89 -6.55 -1.65 -23.07
CA ASN B 89 -7.56 -2.33 -23.90
C ASN B 89 -7.43 -3.85 -23.66
N GLY B 90 -8.32 -4.41 -22.84
CA GLY B 90 -8.21 -5.83 -22.36
C GLY B 90 -6.92 -6.03 -21.58
N ASP B 91 -6.08 -7.01 -22.01
CA ASP B 91 -4.73 -7.21 -21.46
C ASP B 91 -3.66 -6.53 -22.31
N LEU B 92 -4.07 -5.66 -23.24
CA LEU B 92 -3.15 -5.02 -24.16
C LEU B 92 -3.20 -3.49 -23.97
N THR B 93 -2.50 -2.77 -24.87
CA THR B 93 -2.51 -1.35 -24.90
C THR B 93 -3.24 -0.88 -26.19
N GLU B 94 -3.82 0.31 -26.13
CA GLU B 94 -4.19 1.00 -27.36
C GLU B 94 -2.96 1.12 -28.27
N GLY B 95 -3.16 0.98 -29.58
CA GLY B 95 -2.09 1.05 -30.59
C GLY B 95 -1.70 2.50 -30.93
N THR B 96 -2.68 3.40 -30.90
CA THR B 96 -2.46 4.83 -31.22
C THR B 96 -1.91 5.55 -29.98
N ALA B 97 -0.76 6.24 -30.10
CA ALA B 97 -0.17 6.91 -28.92
C ALA B 97 -1.14 7.93 -28.35
N TYR B 98 -1.20 7.99 -27.01
CA TYR B 98 -1.99 8.95 -26.29
C TYR B 98 -1.39 10.36 -26.49
N THR B 99 -2.27 11.32 -26.43
CA THR B 99 -1.86 12.74 -26.57
C THR B 99 -1.90 13.47 -25.22
N ASN B 100 -2.57 12.89 -24.19
CA ASN B 100 -2.72 13.55 -22.91
C ASN B 100 -2.93 12.50 -21.79
N ALA B 101 -2.13 12.61 -20.74
CA ALA B 101 -2.24 11.76 -19.53
C ALA B 101 -1.94 12.59 -18.29
N VAL B 102 -2.30 13.88 -18.32
CA VAL B 102 -1.93 14.77 -17.20
C VAL B 102 -2.61 14.29 -15.89
N GLY B 103 -3.78 13.64 -15.98
CA GLY B 103 -4.49 13.10 -14.83
C GLY B 103 -3.72 12.01 -14.09
N PHE B 104 -2.66 11.47 -14.70
CA PHE B 104 -1.86 10.36 -14.07
C PHE B 104 -0.50 10.88 -13.61
N MET B 105 -0.22 12.17 -13.77
CA MET B 105 1.08 12.72 -13.42
C MET B 105 1.12 13.11 -11.95
N PRO B 106 2.30 13.05 -11.29
CA PRO B 106 2.38 13.39 -9.87
C PRO B 106 2.18 14.90 -9.65
N ASN B 107 1.30 15.23 -8.71
CA ASN B 107 0.87 16.66 -8.47
C ASN B 107 2.08 17.55 -8.16
N LEU B 108 2.18 18.69 -8.90
CA LEU B 108 3.34 19.57 -8.71
C LEU B 108 3.26 20.43 -7.43
N SER B 109 2.06 20.69 -6.91
CA SER B 109 1.97 21.36 -5.60
C SER B 109 2.52 20.46 -4.47
N ALA B 110 2.16 19.16 -4.51
CA ALA B 110 2.58 18.20 -3.49
C ALA B 110 4.06 17.88 -3.64
N TYR B 111 4.48 17.70 -4.90
CA TYR B 111 5.82 17.21 -5.25
C TYR B 111 6.48 18.19 -6.23
N PRO B 112 7.00 19.33 -5.75
CA PRO B 112 7.54 20.34 -6.67
C PRO B 112 8.81 19.88 -7.42
N LYS B 113 9.00 20.45 -8.60
N LYS B 113 9.03 20.52 -8.59
CA LYS B 113 10.09 20.12 -9.51
CA LYS B 113 10.12 20.17 -9.51
C LYS B 113 11.46 20.09 -8.79
C LYS B 113 11.48 20.10 -8.80
N SER B 114 11.84 21.09 -7.98
CA SER B 114 13.20 21.06 -7.38
C SER B 114 13.28 20.31 -6.03
N HIS B 115 12.26 19.53 -5.63
CA HIS B 115 12.09 19.09 -4.23
C HIS B 115 12.34 17.58 -4.05
N GLY B 116 13.19 16.94 -4.86
CA GLY B 116 13.44 15.48 -4.76
C GLY B 116 14.05 15.02 -3.43
N LYS B 117 14.76 15.93 -2.74
CA LYS B 117 15.37 15.62 -1.45
C LYS B 117 14.40 15.85 -0.29
N THR B 118 13.20 16.35 -0.59
CA THR B 118 12.13 16.58 0.40
C THR B 118 11.49 15.22 0.75
N ALA B 119 11.24 14.99 2.04
CA ALA B 119 10.72 13.71 2.51
C ALA B 119 9.42 13.36 1.76
N LYS B 120 8.52 14.35 1.60
CA LYS B 120 7.16 14.08 1.07
C LYS B 120 7.22 13.54 -0.37
N SER B 121 8.26 13.90 -1.13
CA SER B 121 8.41 13.50 -2.52
C SER B 121 8.96 12.08 -2.69
N ASN B 122 9.23 11.39 -1.56
CA ASN B 122 9.79 10.05 -1.57
C ASN B 122 8.85 9.05 -0.87
N ILE B 123 8.70 7.91 -1.53
CA ILE B 123 8.06 6.69 -0.95
C ILE B 123 9.16 5.64 -0.88
N VAL B 124 9.37 5.10 0.34
CA VAL B 124 10.52 4.23 0.59
C VAL B 124 10.05 2.98 1.36
N SER B 125 10.40 1.82 0.83
CA SER B 125 9.99 0.55 1.50
C SER B 125 10.88 -0.58 1.03
N GLN B 126 10.79 -1.72 1.73
CA GLN B 126 11.50 -2.89 1.29
C GLN B 126 10.63 -3.70 0.31
N VAL B 127 11.27 -4.19 -0.74
CA VAL B 127 10.74 -5.26 -1.61
C VAL B 127 11.72 -6.43 -1.48
N TYR B 128 11.44 -7.55 -2.15
CA TYR B 128 12.14 -8.81 -1.85
C TYR B 128 12.53 -9.51 -3.16
N LEU B 129 13.82 -9.81 -3.29
CA LEU B 129 14.35 -10.45 -4.45
C LEU B 129 13.73 -11.83 -4.63
N ASN B 130 13.22 -12.13 -5.84
CA ASN B 130 12.59 -13.44 -6.13
C ASN B 130 11.38 -13.71 -5.19
N GLY B 131 10.78 -12.70 -4.57
CA GLY B 131 9.67 -12.91 -3.64
C GLY B 131 10.08 -13.68 -2.37
N ASP B 132 11.38 -13.62 -2.04
CA ASP B 132 12.00 -14.36 -0.95
C ASP B 132 12.22 -13.42 0.25
N LYS B 133 11.50 -13.68 1.35
CA LYS B 133 11.55 -12.82 2.55
C LYS B 133 12.96 -12.67 3.14
N THR B 134 13.91 -13.57 2.82
CA THR B 134 15.29 -13.49 3.35
C THR B 134 16.22 -12.63 2.46
N LYS B 135 15.68 -12.05 1.38
CA LYS B 135 16.49 -11.27 0.39
C LYS B 135 15.88 -9.87 0.20
N PRO B 136 15.93 -8.99 1.21
CA PRO B 136 15.40 -7.64 1.08
C PRO B 136 16.23 -6.74 0.13
N VAL B 137 15.50 -5.85 -0.53
CA VAL B 137 16.00 -4.79 -1.44
C VAL B 137 15.24 -3.51 -1.09
N THR B 138 15.92 -2.38 -0.83
CA THR B 138 15.18 -1.16 -0.57
C THR B 138 14.73 -0.53 -1.92
N LEU B 139 13.47 -0.11 -1.99
CA LEU B 139 12.96 0.66 -3.14
C LEU B 139 12.66 2.06 -2.64
N THR B 140 13.26 3.05 -3.36
CA THR B 140 12.99 4.46 -3.17
C THR B 140 12.34 5.00 -4.47
N ILE B 141 11.09 5.45 -4.36
CA ILE B 141 10.34 6.10 -5.46
C ILE B 141 10.38 7.59 -5.16
N THR B 142 10.81 8.38 -6.16
CA THR B 142 10.86 9.82 -6.04
C THR B 142 9.97 10.42 -7.13
N LEU B 143 9.09 11.35 -6.70
CA LEU B 143 8.15 12.03 -7.60
C LEU B 143 8.67 13.43 -7.95
N ASN B 144 8.73 13.71 -9.26
CA ASN B 144 9.12 15.02 -9.84
C ASN B 144 10.52 15.46 -9.39
N GLY B 145 11.42 14.48 -9.19
CA GLY B 145 12.75 14.75 -8.68
C GLY B 145 13.54 13.48 -8.47
N THR B 146 14.74 13.68 -7.91
CA THR B 146 15.77 12.68 -7.75
C THR B 146 16.47 12.98 -6.41
N GLN B 147 16.83 11.92 -5.67
CA GLN B 147 17.97 11.99 -4.78
C GLN B 147 18.93 10.91 -5.29
N GLU B 148 20.10 11.36 -5.74
CA GLU B 148 21.15 10.57 -6.39
C GLU B 148 22.32 11.54 -6.64
N THR B 149 22.94 11.51 -7.83
CA THR B 149 24.17 12.28 -8.08
C THR B 149 23.88 13.48 -9.00
N GLY B 150 22.73 14.15 -8.78
CA GLY B 150 22.41 15.50 -9.33
C GLY B 150 21.58 15.49 -10.61
N ASP B 151 20.33 15.98 -10.52
CA ASP B 151 19.35 16.00 -11.69
C ASP B 151 18.52 17.32 -11.73
N THR B 152 18.98 18.27 -12.56
CA THR B 152 18.18 19.41 -13.11
C THR B 152 17.94 19.13 -14.62
N THR B 153 17.72 17.85 -14.94
CA THR B 153 17.36 17.40 -16.28
C THR B 153 15.95 17.88 -16.59
N PRO B 154 15.74 18.63 -17.71
CA PRO B 154 14.40 19.11 -18.05
C PRO B 154 13.41 17.96 -18.28
N SER B 155 12.24 18.12 -17.61
CA SER B 155 11.00 17.40 -17.78
C SER B 155 9.92 18.18 -17.02
N ALA B 156 8.65 18.05 -17.40
CA ALA B 156 7.55 18.65 -16.61
C ALA B 156 7.25 17.83 -15.35
N TYR B 157 7.29 16.50 -15.52
CA TYR B 157 6.95 15.53 -14.49
C TYR B 157 7.93 14.37 -14.60
N SER B 158 8.10 13.63 -13.49
CA SER B 158 8.95 12.45 -13.49
C SER B 158 8.62 11.48 -12.34
N MET B 159 9.00 10.23 -12.59
N MET B 159 8.97 10.23 -12.59
CA MET B 159 8.90 9.16 -11.57
CA MET B 159 8.91 9.15 -11.59
C MET B 159 10.22 8.37 -11.61
C MET B 159 10.23 8.39 -11.62
N SER B 160 10.88 8.31 -10.46
CA SER B 160 12.24 7.71 -10.29
C SER B 160 12.10 6.46 -9.40
N PHE B 161 12.69 5.37 -9.86
CA PHE B 161 12.72 4.08 -9.09
C PHE B 161 14.18 3.74 -8.84
N SER B 162 14.56 3.63 -7.55
N SER B 162 14.55 3.60 -7.55
CA SER B 162 15.92 3.24 -7.16
CA SER B 162 15.91 3.24 -7.15
C SER B 162 15.86 2.02 -6.23
C SER B 162 15.86 2.02 -6.23
N TRP B 163 16.40 0.91 -6.73
CA TRP B 163 16.50 -0.35 -5.94
C TRP B 163 17.92 -0.48 -5.42
N ASP B 164 18.09 -0.78 -4.12
CA ASP B 164 19.40 -0.78 -3.51
C ASP B 164 19.47 -1.95 -2.51
N TRP B 165 20.57 -2.70 -2.60
CA TRP B 165 20.80 -3.82 -1.66
C TRP B 165 22.21 -3.75 -1.06
N SER B 166 22.65 -2.54 -0.70
CA SER B 166 23.94 -2.32 -0.06
C SER B 166 24.11 -3.32 1.09
N GLY B 167 25.26 -4.00 1.13
CA GLY B 167 25.58 -4.90 2.21
C GLY B 167 25.20 -6.35 1.95
N HIS B 168 24.41 -6.62 0.90
CA HIS B 168 23.97 -7.98 0.58
C HIS B 168 24.73 -8.54 -0.60
N ASN B 169 25.05 -9.83 -0.53
CA ASN B 169 25.71 -10.57 -1.61
C ASN B 169 24.64 -11.39 -2.37
N TYR B 170 24.14 -10.81 -3.48
CA TYR B 170 23.15 -11.48 -4.32
C TYR B 170 23.77 -11.92 -5.66
N ILE B 171 25.10 -12.09 -5.69
CA ILE B 171 25.79 -12.54 -6.91
C ILE B 171 25.22 -13.89 -7.37
N ASN B 172 24.98 -14.00 -8.68
CA ASN B 172 24.46 -15.16 -9.40
C ASN B 172 22.93 -15.30 -9.27
N GLU B 173 22.26 -14.37 -8.59
CA GLU B 173 20.79 -14.28 -8.62
C GLU B 173 20.36 -13.36 -9.78
N ILE B 174 19.22 -13.65 -10.40
CA ILE B 174 18.65 -12.73 -11.37
C ILE B 174 18.01 -11.57 -10.60
N PHE B 175 18.21 -10.32 -11.06
CA PHE B 175 17.55 -9.20 -10.42
C PHE B 175 16.05 -9.22 -10.81
N ALA B 176 15.17 -9.53 -9.83
CA ALA B 176 13.71 -9.60 -9.99
C ALA B 176 13.04 -9.32 -8.65
N THR B 177 12.06 -8.42 -8.65
CA THR B 177 11.49 -7.89 -7.40
C THR B 177 10.03 -8.33 -7.23
N SER B 178 9.69 -8.54 -5.97
CA SER B 178 8.30 -8.69 -5.56
C SER B 178 7.52 -7.46 -6.02
N SER B 179 6.20 -7.66 -6.21
CA SER B 179 5.30 -6.53 -6.60
C SER B 179 5.11 -5.60 -5.41
N TYR B 180 5.06 -4.29 -5.66
CA TYR B 180 4.92 -3.25 -4.62
C TYR B 180 3.79 -2.29 -4.99
N THR B 181 2.88 -2.07 -4.03
CA THR B 181 1.77 -1.14 -4.16
C THR B 181 2.11 0.21 -3.50
N PHE B 182 1.75 1.31 -4.18
CA PHE B 182 1.91 2.67 -3.66
C PHE B 182 0.82 3.57 -4.25
N SER B 183 0.70 4.77 -3.69
CA SER B 183 -0.21 5.77 -4.24
C SER B 183 0.47 7.13 -4.13
N TYR B 184 -0.02 8.07 -4.99
CA TYR B 184 0.44 9.44 -4.96
C TYR B 184 -0.70 10.36 -5.40
N ILE B 185 -0.56 11.65 -5.05
CA ILE B 185 -1.55 12.66 -5.36
C ILE B 185 -1.44 13.03 -6.86
N ALA B 186 -2.56 12.95 -7.56
CA ALA B 186 -2.60 13.30 -9.02
C ALA B 186 -2.63 14.81 -9.27
N GLN B 187 -2.03 15.18 -10.40
CA GLN B 187 -2.01 16.57 -10.86
C GLN B 187 -3.42 17.10 -11.12
N GLU B 188 -4.27 16.31 -11.79
CA GLU B 188 -5.66 16.75 -12.02
C GLU B 188 -6.58 15.55 -11.99
N ASN C 1 -14.10 20.63 -8.34
CA ASN C 1 -14.92 20.31 -7.13
C ASN C 1 -15.12 18.79 -7.03
N ASP C 2 -14.86 18.18 -5.84
CA ASP C 2 -14.67 16.73 -5.81
C ASP C 2 -14.97 16.18 -4.41
N LYS C 3 -16.20 15.68 -4.24
CA LYS C 3 -16.71 15.20 -2.94
C LYS C 3 -16.19 13.79 -2.63
N LEU C 4 -15.30 13.24 -3.47
CA LEU C 4 -14.73 11.93 -3.25
C LEU C 4 -13.30 12.03 -2.70
N THR C 5 -12.79 13.25 -2.44
CA THR C 5 -11.51 13.41 -1.72
C THR C 5 -11.67 14.43 -0.60
N LEU C 6 -11.26 14.03 0.61
CA LEU C 6 -11.15 14.91 1.77
C LEU C 6 -9.67 15.06 2.11
N TRP C 7 -9.16 16.31 2.21
CA TRP C 7 -7.71 16.47 2.35
C TRP C 7 -7.33 17.74 3.13
N THR C 8 -6.04 17.83 3.46
CA THR C 8 -5.41 19.02 4.02
C THR C 8 -5.00 20.08 2.97
N THR C 9 -5.28 19.81 1.69
CA THR C 9 -4.60 20.38 0.51
C THR C 9 -3.25 19.70 0.35
N PRO C 10 -2.73 19.64 -0.89
CA PRO C 10 -1.45 18.99 -1.17
C PRO C 10 -0.19 19.73 -0.69
N ALA C 11 -0.34 21.02 -0.36
CA ALA C 11 0.77 21.92 0.07
C ALA C 11 0.28 22.76 1.24
N PRO C 12 -0.06 22.13 2.40
CA PRO C 12 -0.59 22.89 3.52
C PRO C 12 0.45 23.79 4.19
N SER C 13 -0.04 24.87 4.77
CA SER C 13 0.67 25.67 5.73
C SER C 13 0.68 24.94 7.06
N PRO C 14 1.46 25.39 8.07
CA PRO C 14 1.47 24.71 9.36
C PRO C 14 0.02 24.57 9.85
N ASN C 15 -0.36 23.33 10.23
CA ASN C 15 -1.76 23.02 10.43
C ASN C 15 -1.97 21.98 11.54
N CYS C 16 -0.94 21.64 12.31
CA CYS C 16 -1.18 20.66 13.37
C CYS C 16 -0.21 20.85 14.52
N ARG C 17 -0.61 20.23 15.65
CA ARG C 17 0.02 20.36 16.92
C ARG C 17 0.59 18.99 17.32
N LEU C 18 1.93 18.87 17.28
CA LEU C 18 2.61 17.68 17.82
C LEU C 18 3.05 17.97 19.25
N ASN C 19 3.69 19.12 19.49
CA ASN C 19 4.11 19.49 20.85
C ASN C 19 3.58 20.90 21.22
N ALA C 20 3.30 21.75 20.21
CA ALA C 20 2.65 23.07 20.36
C ALA C 20 1.83 23.36 19.10
N GLU C 21 0.90 24.34 19.17
CA GLU C 21 0.04 24.70 18.02
C GLU C 21 0.90 25.05 16.78
N LYS C 22 0.51 24.50 15.63
CA LYS C 22 1.08 24.82 14.30
C LYS C 22 2.60 24.58 14.30
N ASP C 23 3.04 23.48 14.95
CA ASP C 23 4.48 23.19 14.92
C ASP C 23 4.82 22.21 13.80
N ALA C 24 3.83 21.81 13.00
CA ALA C 24 4.08 20.88 11.89
C ALA C 24 3.08 21.09 10.75
N LYS C 25 3.49 20.58 9.57
CA LYS C 25 2.65 20.48 8.39
C LYS C 25 2.32 19.01 8.15
N LEU C 26 1.06 18.65 8.38
CA LEU C 26 0.53 17.30 8.03
C LEU C 26 -0.09 17.37 6.63
N THR C 27 0.40 16.53 5.72
CA THR C 27 -0.27 16.31 4.45
C THR C 27 -1.02 14.99 4.57
N LEU C 28 -2.36 15.05 4.55
CA LEU C 28 -3.19 13.83 4.65
C LEU C 28 -4.30 13.90 3.59
N VAL C 29 -4.35 12.91 2.73
CA VAL C 29 -5.31 12.83 1.62
C VAL C 29 -6.11 11.54 1.75
N LEU C 30 -7.45 11.68 1.83
CA LEU C 30 -8.36 10.54 1.89
C LEU C 30 -9.21 10.48 0.62
N THR C 31 -9.08 9.41 -0.16
CA THR C 31 -9.83 9.23 -1.39
C THR C 31 -10.78 8.06 -1.28
N LYS C 32 -12.08 8.32 -1.46
CA LYS C 32 -13.09 7.29 -1.26
C LYS C 32 -13.17 6.39 -2.50
N CYS C 33 -12.91 5.09 -2.26
CA CYS C 33 -13.01 4.04 -3.26
C CYS C 33 -14.09 3.05 -2.78
N GLY C 34 -15.34 3.53 -2.73
CA GLY C 34 -16.46 2.79 -2.22
C GLY C 34 -16.27 2.43 -0.76
N SER C 35 -16.15 1.12 -0.50
CA SER C 35 -16.13 0.60 0.87
C SER C 35 -14.75 0.73 1.53
N GLN C 36 -13.70 1.09 0.78
CA GLN C 36 -12.41 1.39 1.38
C GLN C 36 -12.00 2.83 1.06
N ILE C 37 -11.27 3.40 1.99
CA ILE C 37 -10.60 4.70 1.84
C ILE C 37 -9.15 4.45 1.48
N LEU C 38 -8.65 5.09 0.42
CA LEU C 38 -7.22 5.06 0.04
C LEU C 38 -6.57 6.33 0.56
N ALA C 39 -5.51 6.21 1.36
CA ALA C 39 -4.92 7.33 2.07
C ALA C 39 -3.42 7.44 1.81
N THR C 40 -2.94 8.70 1.76
CA THR C 40 -1.49 8.99 1.79
C THR C 40 -1.24 9.99 2.92
N VAL C 41 -0.13 9.80 3.64
CA VAL C 41 0.24 10.71 4.75
C VAL C 41 1.74 10.96 4.75
N SER C 42 2.10 12.19 5.12
CA SER C 42 3.46 12.68 5.31
C SER C 42 3.39 13.81 6.36
N VAL C 43 4.44 13.96 7.16
CA VAL C 43 4.49 15.08 8.12
C VAL C 43 5.89 15.73 8.08
N LEU C 44 5.93 17.05 8.30
CA LEU C 44 7.14 17.85 8.36
C LEU C 44 7.02 18.82 9.55
N ALA C 45 7.93 18.72 10.52
CA ALA C 45 7.97 19.67 11.63
C ALA C 45 8.60 20.98 11.18
N VAL C 46 8.12 22.09 11.74
CA VAL C 46 8.59 23.43 11.32
C VAL C 46 9.14 24.24 12.50
N LYS C 47 8.80 23.88 13.75
CA LYS C 47 9.41 24.53 14.90
C LYS C 47 9.39 23.61 16.12
N GLY C 48 10.17 23.97 17.14
CA GLY C 48 10.21 23.24 18.43
C GLY C 48 11.22 22.11 18.44
N SER C 49 10.97 21.14 19.33
CA SER C 49 11.92 20.10 19.69
C SER C 49 12.05 19.02 18.59
N LEU C 50 11.25 19.11 17.53
CA LEU C 50 11.36 18.24 16.36
C LEU C 50 11.99 18.96 15.16
N ALA C 51 12.34 20.24 15.32
CA ALA C 51 12.83 21.07 14.19
C ALA C 51 13.97 21.96 14.65
N PRO C 52 15.16 21.39 14.90
CA PRO C 52 15.46 19.99 14.68
C PRO C 52 15.28 19.13 15.94
N ILE C 53 15.29 17.80 15.72
CA ILE C 53 15.19 16.81 16.79
C ILE C 53 16.27 17.12 17.83
N SER C 54 15.84 17.23 19.09
CA SER C 54 16.66 17.67 20.21
C SER C 54 16.56 16.68 21.36
N GLY C 55 17.55 16.74 22.25
CA GLY C 55 17.51 16.08 23.54
C GLY C 55 17.22 14.60 23.40
N THR C 56 16.16 14.16 24.08
CA THR C 56 15.85 12.76 24.23
C THR C 56 14.62 12.39 23.39
N VAL C 57 14.17 13.28 22.49
CA VAL C 57 12.96 13.07 21.67
C VAL C 57 13.21 11.91 20.71
N GLN C 58 12.34 10.89 20.79
CA GLN C 58 12.45 9.67 19.98
C GLN C 58 11.08 9.25 19.46
N SER C 59 10.10 10.18 19.48
CA SER C 59 8.76 9.88 18.99
C SER C 59 7.96 11.16 18.77
N ALA C 60 6.85 11.03 18.05
CA ALA C 60 5.89 12.14 17.83
C ALA C 60 4.51 11.53 17.63
N HIS C 61 3.47 12.21 18.10
CA HIS C 61 2.12 11.66 18.15
C HIS C 61 1.07 12.71 17.75
N LEU C 62 0.06 12.28 16.99
CA LEU C 62 -1.10 13.11 16.66
C LEU C 62 -2.37 12.26 16.70
N ILE C 63 -3.40 12.71 17.43
CA ILE C 63 -4.74 12.11 17.36
C ILE C 63 -5.71 13.13 16.71
N ILE C 64 -6.43 12.68 15.66
CA ILE C 64 -7.50 13.45 15.03
C ILE C 64 -8.86 12.86 15.40
N ARG C 65 -9.76 13.66 15.94
CA ARG C 65 -11.04 13.20 16.44
C ARG C 65 -12.20 13.83 15.66
N PHE C 66 -13.23 13.04 15.38
CA PHE C 66 -14.41 13.49 14.63
C PHE C 66 -15.70 13.17 15.38
N ASP C 67 -16.74 13.97 15.12
CA ASP C 67 -18.09 13.77 15.66
C ASP C 67 -18.85 12.75 14.79
N GLU C 68 -20.10 12.49 15.16
CA GLU C 68 -20.93 11.47 14.48
C GLU C 68 -21.20 11.81 13.00
N ASN C 69 -21.03 13.07 12.61
CA ASN C 69 -21.18 13.51 11.21
C ASN C 69 -19.84 13.49 10.47
N GLY C 70 -18.76 13.10 11.13
CA GLY C 70 -17.44 13.09 10.52
C GLY C 70 -16.75 14.45 10.48
N VAL C 71 -17.24 15.40 11.29
CA VAL C 71 -16.72 16.77 11.39
C VAL C 71 -15.70 16.83 12.54
N LEU C 72 -14.57 17.51 12.34
CA LEU C 72 -13.55 17.66 13.41
C LEU C 72 -14.20 18.24 14.67
N LEU C 73 -13.85 17.67 15.84
CA LEU C 73 -14.26 18.26 17.14
C LEU C 73 -13.58 19.62 17.36
N ASN C 74 -14.20 20.43 18.23
CA ASN C 74 -13.54 21.58 18.78
C ASN C 74 -12.27 21.14 19.55
N ASN C 75 -11.32 22.08 19.66
CA ASN C 75 -10.00 21.85 20.27
C ASN C 75 -9.20 20.79 19.50
N SER C 76 -9.40 20.74 18.17
CA SER C 76 -8.72 19.83 17.30
C SER C 76 -7.22 20.11 17.24
N PHE C 77 -6.38 19.04 17.27
CA PHE C 77 -4.93 19.18 17.09
C PHE C 77 -4.58 19.22 15.58
N LEU C 78 -5.58 18.97 14.71
CA LEU C 78 -5.51 19.31 13.27
C LEU C 78 -6.41 20.52 13.04
N ASP C 79 -5.81 21.60 12.51
CA ASP C 79 -6.54 22.86 12.30
C ASP C 79 -7.62 22.63 11.24
N PRO C 80 -8.88 23.03 11.55
CA PRO C 80 -9.99 22.76 10.63
C PRO C 80 -10.10 23.69 9.40
N GLU C 81 -9.33 24.78 9.38
CA GLU C 81 -9.48 25.83 8.33
C GLU C 81 -9.38 25.23 6.92
N TYR C 82 -8.39 24.40 6.66
CA TYR C 82 -8.13 23.85 5.31
C TYR C 82 -8.19 22.31 5.36
N TRP C 83 -9.15 21.78 6.11
CA TRP C 83 -9.51 20.35 6.07
C TRP C 83 -10.91 20.25 5.46
N ASN C 84 -11.00 19.85 4.19
CA ASN C 84 -12.26 19.92 3.44
C ASN C 84 -12.14 19.12 2.15
N PHE C 85 -13.27 18.97 1.48
CA PHE C 85 -13.34 18.40 0.13
C PHE C 85 -12.52 19.21 -0.86
N ARG C 86 -11.99 18.50 -1.86
CA ARG C 86 -11.11 19.03 -2.88
C ARG C 86 -11.86 19.99 -3.82
N ASN C 87 -11.17 21.09 -4.16
CA ASN C 87 -11.46 21.99 -5.33
C ASN C 87 -10.11 22.40 -5.96
N GLY C 88 -9.76 21.78 -7.09
CA GLY C 88 -8.41 21.96 -7.71
C GLY C 88 -7.32 21.42 -6.77
N ASP C 89 -6.33 22.28 -6.48
CA ASP C 89 -5.30 22.02 -5.45
C ASP C 89 -5.67 22.67 -4.11
N LEU C 90 -6.92 23.13 -3.97
CA LEU C 90 -7.36 23.82 -2.77
C LEU C 90 -8.53 23.05 -2.15
N THR C 91 -9.19 23.70 -1.18
CA THR C 91 -10.38 23.18 -0.54
C THR C 91 -11.60 23.98 -0.98
N GLU C 92 -12.77 23.34 -0.92
CA GLU C 92 -14.02 24.10 -1.06
C GLU C 92 -14.07 25.13 0.08
N GLY C 93 -14.69 26.28 -0.19
CA GLY C 93 -14.74 27.42 0.76
C GLY C 93 -15.66 27.17 1.96
N THR C 94 -16.84 26.59 1.68
CA THR C 94 -17.85 26.32 2.71
C THR C 94 -17.48 25.04 3.50
N ALA C 95 -17.45 25.12 4.83
CA ALA C 95 -17.08 23.91 5.66
C ALA C 95 -18.08 22.79 5.43
N TYR C 96 -17.58 21.55 5.32
CA TYR C 96 -18.42 20.37 5.13
C TYR C 96 -19.24 20.07 6.40
N THR C 97 -20.43 19.51 6.18
CA THR C 97 -21.33 19.15 7.28
C THR C 97 -21.44 17.61 7.43
N ASN C 98 -20.97 16.83 6.44
CA ASN C 98 -21.03 15.35 6.54
C ASN C 98 -19.85 14.72 5.78
N ALA C 99 -19.11 13.84 6.47
CA ALA C 99 -18.02 13.04 5.88
C ALA C 99 -18.04 11.65 6.50
N VAL C 100 -19.24 11.14 6.83
CA VAL C 100 -19.33 9.81 7.48
C VAL C 100 -18.76 8.73 6.54
N GLY C 101 -18.88 8.91 5.21
CA GLY C 101 -18.34 7.96 4.25
C GLY C 101 -16.82 7.84 4.24
N PHE C 102 -16.12 8.76 4.95
CA PHE C 102 -14.65 8.74 5.02
C PHE C 102 -14.19 8.23 6.40
N MET C 103 -15.13 7.97 7.31
CA MET C 103 -14.76 7.58 8.69
C MET C 103 -14.43 6.10 8.78
N PRO C 104 -13.50 5.72 9.68
CA PRO C 104 -13.18 4.28 9.86
C PRO C 104 -14.40 3.51 10.41
N ASN C 105 -14.69 2.38 9.76
CA ASN C 105 -15.86 1.57 10.05
C ASN C 105 -15.85 1.07 11.53
N LEU C 106 -16.94 1.30 12.26
CA LEU C 106 -16.98 0.96 13.69
C LEU C 106 -17.17 -0.55 13.93
N SER C 107 -17.75 -1.30 12.98
CA SER C 107 -17.78 -2.77 13.11
C SER C 107 -16.36 -3.36 13.01
N ALA C 108 -15.57 -2.88 12.05
CA ALA C 108 -14.20 -3.34 11.80
C ALA C 108 -13.28 -2.90 12.94
N TYR C 109 -13.43 -1.61 13.33
CA TYR C 109 -12.52 -0.96 14.27
C TYR C 109 -13.35 -0.34 15.39
N PRO C 110 -13.82 -1.11 16.38
CA PRO C 110 -14.73 -0.56 17.40
C PRO C 110 -14.09 0.51 18.29
N LYS C 111 -14.93 1.42 18.79
CA LYS C 111 -14.44 2.57 19.56
C LYS C 111 -13.72 2.05 20.78
N SER C 112 -12.50 2.57 21.02
CA SER C 112 -11.62 2.24 22.18
C SER C 112 -11.06 0.81 22.16
N HIS C 113 -11.05 0.14 21.00
CA HIS C 113 -10.40 -1.17 20.79
C HIS C 113 -9.04 -1.00 20.10
N GLY C 114 -8.34 0.09 20.45
CA GLY C 114 -7.05 0.43 19.93
C GLY C 114 -5.95 -0.58 20.21
N LYS C 115 -6.11 -1.42 21.24
CA LYS C 115 -5.12 -2.48 21.55
C LYS C 115 -5.34 -3.72 20.69
N THR C 116 -6.46 -3.77 19.95
CA THR C 116 -6.77 -4.86 19.03
C THR C 116 -5.89 -4.76 17.78
N ALA C 117 -5.33 -5.89 17.33
CA ALA C 117 -4.36 -5.89 16.26
C ALA C 117 -4.96 -5.26 15.00
N LYS C 118 -6.21 -5.63 14.65
CA LYS C 118 -6.87 -5.25 13.38
C LYS C 118 -7.05 -3.75 13.28
N SER C 119 -7.19 -3.07 14.43
CA SER C 119 -7.37 -1.59 14.47
C SER C 119 -6.05 -0.84 14.26
N ASN C 120 -4.94 -1.52 14.02
CA ASN C 120 -3.63 -0.92 13.82
C ASN C 120 -3.06 -1.26 12.43
N ILE C 121 -2.50 -0.22 11.75
CA ILE C 121 -1.66 -0.40 10.58
C ILE C 121 -0.26 0.04 10.98
N VAL C 122 0.75 -0.83 10.80
CA VAL C 122 2.09 -0.57 11.29
C VAL C 122 3.11 -0.83 10.18
N SER C 123 3.99 0.15 9.93
CA SER C 123 5.01 -0.03 8.89
C SER C 123 6.16 0.95 9.11
N GLN C 124 7.27 0.73 8.41
CA GLN C 124 8.38 1.66 8.42
C GLN C 124 8.19 2.77 7.37
N VAL C 125 8.46 4.00 7.82
CA VAL C 125 8.70 5.15 6.91
C VAL C 125 10.13 5.61 7.17
N TYR C 126 10.60 6.63 6.43
CA TYR C 126 12.02 6.93 6.38
C TYR C 126 12.24 8.43 6.51
N LEU C 127 13.09 8.82 7.44
CA LEU C 127 13.35 10.20 7.74
C LEU C 127 14.01 10.85 6.51
N ASN C 128 13.44 11.97 6.04
CA ASN C 128 13.94 12.69 4.90
C ASN C 128 14.03 11.83 3.63
N GLY C 129 13.19 10.80 3.53
CA GLY C 129 13.21 9.91 2.37
C GLY C 129 14.50 9.10 2.25
N ASP C 130 15.22 8.91 3.37
CA ASP C 130 16.54 8.30 3.40
C ASP C 130 16.41 6.86 3.93
N LYS C 131 16.69 5.88 3.07
CA LYS C 131 16.57 4.43 3.42
C LYS C 131 17.38 4.00 4.64
N THR C 132 18.39 4.77 5.06
CA THR C 132 19.24 4.43 6.23
C THR C 132 18.68 4.99 7.54
N LYS C 133 17.53 5.67 7.50
CA LYS C 133 16.95 6.35 8.66
C LYS C 133 15.50 5.92 8.86
N PRO C 134 15.24 4.65 9.23
CA PRO C 134 13.88 4.19 9.49
C PRO C 134 13.22 4.80 10.73
N VAL C 135 11.90 4.94 10.64
CA VAL C 135 10.98 5.45 11.67
C VAL C 135 9.73 4.55 11.64
N THR C 136 9.31 3.96 12.79
CA THR C 136 8.08 3.19 12.75
C THR C 136 6.86 4.11 12.78
N LEU C 137 5.87 3.85 11.91
CA LEU C 137 4.58 4.53 11.95
C LEU C 137 3.52 3.52 12.36
N THR C 138 2.81 3.82 13.45
CA THR C 138 1.66 3.08 13.92
C THR C 138 0.41 3.95 13.75
N ILE C 139 -0.52 3.52 12.90
CA ILE C 139 -1.81 4.19 12.69
C ILE C 139 -2.87 3.38 13.41
N THR C 140 -3.67 4.03 14.25
CA THR C 140 -4.72 3.36 15.02
C THR C 140 -6.06 4.01 14.67
N LEU C 141 -7.04 3.16 14.38
CA LEU C 141 -8.39 3.59 13.92
C LEU C 141 -9.36 3.42 15.10
N ASN C 142 -10.05 4.50 15.43
CA ASN C 142 -11.08 4.56 16.46
C ASN C 142 -10.57 4.15 17.85
N GLY C 143 -9.28 4.42 18.10
CA GLY C 143 -8.62 4.12 19.34
C GLY C 143 -7.17 4.57 19.35
N THR C 144 -6.47 4.22 20.43
CA THR C 144 -5.09 4.57 20.66
C THR C 144 -4.34 3.35 21.20
N GLN C 145 -3.08 3.17 20.75
CA GLN C 145 -2.30 2.00 21.07
C GLN C 145 -1.58 2.28 22.40
N GLU C 146 -2.43 2.25 23.44
CA GLU C 146 -2.22 2.77 24.77
C GLU C 146 -3.59 2.73 25.50
N THR C 147 -3.55 2.90 26.82
CA THR C 147 -4.75 3.03 27.67
C THR C 147 -5.47 4.36 27.35
N GLY C 148 -6.73 4.46 27.79
CA GLY C 148 -7.74 5.41 27.30
C GLY C 148 -7.28 6.87 27.11
N ASP C 149 -7.22 7.30 25.84
CA ASP C 149 -7.60 8.64 25.47
C ASP C 149 -9.02 8.81 26.03
N THR C 150 -9.25 9.78 26.93
CA THR C 150 -10.55 9.91 27.61
C THR C 150 -11.36 11.06 27.02
N THR C 151 -10.84 11.73 25.97
CA THR C 151 -11.62 12.73 25.24
C THR C 151 -12.62 12.00 24.36
N PRO C 152 -13.94 12.18 24.54
CA PRO C 152 -14.93 11.46 23.74
C PRO C 152 -14.87 11.93 22.28
N SER C 153 -15.14 10.99 21.38
CA SER C 153 -15.27 11.20 19.95
C SER C 153 -16.09 10.04 19.37
N ALA C 154 -16.74 10.24 18.23
CA ALA C 154 -17.45 9.15 17.54
C ALA C 154 -16.45 8.28 16.76
N TYR C 155 -15.47 8.94 16.14
CA TYR C 155 -14.46 8.33 15.28
C TYR C 155 -13.12 9.00 15.58
N SER C 156 -12.02 8.32 15.26
CA SER C 156 -10.70 8.92 15.42
C SER C 156 -9.67 8.22 14.53
N MET C 157 -8.58 8.94 14.26
N MET C 157 -8.54 8.90 14.35
CA MET C 157 -7.41 8.40 13.59
CA MET C 157 -7.41 8.43 13.56
C MET C 157 -6.18 8.92 14.33
C MET C 157 -6.11 8.93 14.25
N SER C 158 -5.31 8.00 14.76
CA SER C 158 -4.12 8.27 15.57
C SER C 158 -2.88 7.89 14.75
N PHE C 159 -1.86 8.74 14.81
CA PHE C 159 -0.57 8.55 14.13
C PHE C 159 0.52 8.63 15.20
N SER C 160 1.33 7.56 15.32
CA SER C 160 2.46 7.53 16.23
C SER C 160 3.73 7.16 15.47
N TRP C 161 4.68 8.10 15.44
CA TRP C 161 5.98 7.90 14.83
C TRP C 161 6.99 7.63 15.94
N ASP C 162 7.84 6.62 15.76
CA ASP C 162 8.77 6.22 16.84
C ASP C 162 10.10 5.77 16.23
N TRP C 163 11.20 6.25 16.79
CA TRP C 163 12.53 5.86 16.33
C TRP C 163 13.44 5.49 17.51
N SER C 164 12.87 4.80 18.52
CA SER C 164 13.62 4.28 19.66
C SER C 164 14.91 3.61 19.16
N GLY C 165 16.03 3.94 19.78
CA GLY C 165 17.30 3.31 19.47
C GLY C 165 18.12 4.03 18.42
N HIS C 166 17.54 5.02 17.72
CA HIS C 166 18.24 5.77 16.70
C HIS C 166 18.56 7.18 17.19
N ASN C 167 19.73 7.68 16.78
CA ASN C 167 20.19 9.03 17.08
C ASN C 167 19.98 9.91 15.85
N TYR C 168 18.84 10.62 15.80
CA TYR C 168 18.54 11.55 14.72
C TYR C 168 18.62 13.01 15.22
N ILE C 169 19.36 13.25 16.30
CA ILE C 169 19.56 14.59 16.82
C ILE C 169 20.16 15.50 15.73
N ASN C 170 19.60 16.71 15.62
CA ASN C 170 20.00 17.78 14.68
C ASN C 170 19.42 17.56 13.27
N GLU C 171 18.62 16.52 13.06
CA GLU C 171 17.87 16.35 11.81
C GLU C 171 16.46 16.95 11.99
N ILE C 172 15.90 17.48 10.91
CA ILE C 172 14.50 17.92 10.94
C ILE C 172 13.59 16.68 10.89
N PHE C 173 12.55 16.63 11.71
CA PHE C 173 11.61 15.52 11.65
C PHE C 173 10.71 15.70 10.40
N ALA C 174 10.89 14.81 9.42
CA ALA C 174 10.12 14.80 8.17
C ALA C 174 10.10 13.38 7.61
N THR C 175 8.93 12.88 7.20
CA THR C 175 8.73 11.50 6.84
C THR C 175 8.42 11.31 5.36
N SER C 176 8.95 10.22 4.81
CA SER C 176 8.54 9.73 3.53
C SER C 176 7.03 9.55 3.50
N SER C 177 6.44 9.70 2.30
CA SER C 177 5.00 9.47 2.08
C SER C 177 4.66 7.97 2.27
N TYR C 178 3.51 7.73 2.90
CA TYR C 178 3.08 6.36 3.19
C TYR C 178 1.62 6.18 2.74
N THR C 179 1.41 5.13 1.96
CA THR C 179 0.06 4.74 1.51
C THR C 179 -0.54 3.65 2.44
N PHE C 180 -1.82 3.81 2.78
CA PHE C 180 -2.59 2.77 3.53
C PHE C 180 -4.05 2.84 3.11
N SER C 181 -4.84 1.86 3.44
CA SER C 181 -6.26 1.86 3.25
C SER C 181 -6.95 1.32 4.50
N TYR C 182 -8.24 1.63 4.65
CA TYR C 182 -9.07 1.13 5.74
C TYR C 182 -10.52 1.03 5.29
N ILE C 183 -11.30 0.21 5.98
CA ILE C 183 -12.72 -0.01 5.68
C ILE C 183 -13.52 1.22 6.13
N ALA C 184 -14.32 1.77 5.21
CA ALA C 184 -15.18 2.91 5.49
C ALA C 184 -16.48 2.56 6.22
N GLN C 185 -16.98 3.52 7.02
CA GLN C 185 -18.22 3.36 7.78
C GLN C 185 -19.42 3.19 6.85
N GLU C 186 -19.50 3.97 5.77
CA GLU C 186 -20.62 3.78 4.83
C GLU C 186 -20.16 4.12 3.42
#